data_4IQH
#
_entry.id   4IQH
#
_cell.length_a   71.160
_cell.length_b   71.160
_cell.length_c   137.450
_cell.angle_alpha   90.00
_cell.angle_beta   90.00
_cell.angle_gamma   120.00
#
_symmetry.space_group_name_H-M   'P 31 2 1'
#
loop_
_entity.id
_entity.type
_entity.pdbx_description
1 polymer Dysferlin
2 water water
#
_entity_poly.entity_id   1
_entity_poly.type   'polypeptide(L)'
_entity_poly.pdbx_seq_one_letter_code
;GDITHMLACLLVRASNLPSAKKDRRSDPVASLTFRGVKKRTKVIKNSVNPVWNEGFEWDLKGIPLDQGSELHVVVKDHET
MGRNRFLGEAKVPLREVLATPSLSASFNAPLLDTKKQPTGASLVLQVSYT
;
_entity_poly.pdbx_strand_id   A,B,C
#
# COMPACT_ATOMS: atom_id res chain seq x y z
N ILE A 3 -1.56 -10.70 -41.86
CA ILE A 3 -1.86 -11.60 -40.76
C ILE A 3 -1.08 -11.17 -39.51
N THR A 4 -1.63 -11.52 -38.35
CA THR A 4 -1.07 -11.07 -37.08
C THR A 4 -0.16 -12.15 -36.53
N HIS A 5 0.83 -11.77 -35.74
CA HIS A 5 1.61 -12.71 -34.97
C HIS A 5 1.62 -12.27 -33.53
N MET A 6 1.22 -13.16 -32.64
CA MET A 6 1.07 -12.84 -31.24
C MET A 6 1.49 -13.97 -30.32
N LEU A 7 1.81 -13.58 -29.11
CA LEU A 7 2.00 -14.47 -27.99
C LEU A 7 0.71 -14.50 -27.18
N ALA A 8 0.22 -15.70 -26.93
CA ALA A 8 -1.00 -15.90 -26.20
C ALA A 8 -0.72 -16.68 -24.91
N CYS A 9 -1.38 -16.25 -23.84
CA CYS A 9 -1.30 -16.91 -22.54
C CYS A 9 -2.70 -17.13 -22.00
N LEU A 10 -3.01 -18.32 -21.57
CA LEU A 10 -4.23 -18.54 -20.82
C LEU A 10 -3.80 -18.73 -19.39
N LEU A 11 -4.20 -17.79 -18.56
CA LEU A 11 -3.92 -17.86 -17.14
C LEU A 11 -5.09 -18.56 -16.48
N VAL A 12 -4.91 -19.82 -16.17
CA VAL A 12 -5.96 -20.60 -15.55
C VAL A 12 -6.25 -20.17 -14.11
N ARG A 13 -5.27 -20.35 -13.28
N ARG A 13 -5.27 -20.35 -13.28
CA ARG A 13 -5.46 -20.15 -11.86
CA ARG A 13 -5.46 -20.18 -11.85
C ARG A 13 -4.14 -20.09 -11.10
C ARG A 13 -4.15 -20.14 -11.08
N ALA A 14 -4.23 -19.68 -9.84
CA ALA A 14 -3.15 -19.90 -8.90
C ALA A 14 -3.66 -20.72 -7.76
N SER A 15 -2.74 -21.43 -7.12
CA SER A 15 -3.06 -22.37 -6.07
C SER A 15 -2.24 -22.20 -4.79
N ASN A 16 -2.82 -22.30 -3.67
N ASN A 16 -2.80 -22.29 -3.66
CA ASN A 16 -2.14 -22.27 -2.38
CA ASN A 16 -2.09 -22.26 -2.38
C ASN A 16 -1.38 -20.96 -2.13
C ASN A 16 -1.37 -20.94 -2.12
N LEU A 17 -2.04 -19.85 -2.44
CA LEU A 17 -1.42 -18.58 -2.20
C LEU A 17 -1.24 -18.35 -0.72
N PRO A 18 -0.21 -17.62 -0.39
CA PRO A 18 0.04 -17.31 1.01
C PRO A 18 -0.82 -16.18 1.48
N SER A 19 -1.08 -16.11 2.77
CA SER A 19 -1.66 -14.93 3.36
C SER A 19 -0.97 -14.66 4.69
N ALA A 20 -0.42 -13.49 4.81
CA ALA A 20 0.23 -13.05 6.04
C ALA A 20 -0.75 -12.84 7.18
N LYS A 21 -1.93 -12.39 6.84
CA LYS A 21 -2.95 -12.14 7.81
C LYS A 21 -4.20 -12.83 7.35
N LYS A 22 -4.53 -13.94 7.98
CA LYS A 22 -5.68 -14.73 7.59
C LYS A 22 -7.09 -14.23 7.89
N ASP A 23 -7.23 -13.29 8.79
CA ASP A 23 -8.52 -12.73 9.06
C ASP A 23 -8.77 -11.51 8.20
N ARG A 24 -7.88 -11.26 7.27
CA ARG A 24 -8.05 -10.18 6.32
C ARG A 24 -8.31 -10.84 4.97
N ARG A 25 -9.33 -10.35 4.30
CA ARG A 25 -9.79 -10.94 3.06
C ARG A 25 -8.64 -10.85 2.04
N SER A 26 -8.41 -11.91 1.29
CA SER A 26 -7.38 -11.95 0.27
C SER A 26 -8.02 -11.76 -1.11
N ASP A 27 -7.49 -10.82 -1.88
CA ASP A 27 -8.08 -10.35 -3.12
C ASP A 27 -7.07 -10.42 -4.23
N PRO A 28 -6.83 -11.63 -4.73
CA PRO A 28 -5.75 -11.85 -5.69
C PRO A 28 -5.94 -11.21 -7.04
N VAL A 29 -4.88 -10.59 -7.53
CA VAL A 29 -4.85 -10.04 -8.86
C VAL A 29 -3.48 -10.32 -9.51
N ALA A 30 -3.45 -10.76 -10.75
CA ALA A 30 -2.20 -11.11 -11.43
C ALA A 30 -1.88 -10.15 -12.56
N SER A 31 -0.61 -9.83 -12.68
CA SER A 31 -0.10 -9.05 -13.77
C SER A 31 0.88 -9.86 -14.58
N LEU A 32 0.78 -9.75 -15.89
CA LEU A 32 1.64 -10.44 -16.82
C LEU A 32 2.33 -9.42 -17.73
N THR A 33 3.65 -9.51 -17.77
CA THR A 33 4.48 -8.63 -18.57
C THR A 33 5.35 -9.37 -19.56
N PHE A 34 5.26 -8.92 -20.81
CA PHE A 34 6.08 -9.43 -21.86
C PHE A 34 6.71 -8.27 -22.62
N ARG A 35 8.02 -8.20 -22.66
CA ARG A 35 8.70 -7.18 -23.42
C ARG A 35 8.16 -5.81 -23.03
N GLY A 36 7.98 -5.65 -21.75
CA GLY A 36 7.59 -4.41 -21.15
C GLY A 36 6.13 -4.04 -21.22
N VAL A 37 5.31 -4.86 -21.84
CA VAL A 37 3.93 -4.57 -21.93
C VAL A 37 3.19 -5.37 -20.83
N LYS A 38 2.53 -4.65 -19.95
CA LYS A 38 1.90 -5.22 -18.78
C LYS A 38 0.38 -5.33 -18.90
N LYS A 39 -0.13 -6.51 -18.59
CA LYS A 39 -1.53 -6.80 -18.58
C LYS A 39 -1.95 -7.38 -17.24
N ARG A 40 -3.19 -7.13 -16.89
CA ARG A 40 -3.73 -7.52 -15.60
C ARG A 40 -5.06 -8.22 -15.71
N THR A 41 -5.21 -9.19 -14.81
CA THR A 41 -6.42 -9.88 -14.62
C THR A 41 -7.38 -9.03 -13.79
N LYS A 42 -8.61 -9.51 -13.67
CA LYS A 42 -9.53 -8.95 -12.72
C LYS A 42 -9.11 -9.40 -11.34
N VAL A 43 -9.56 -8.63 -10.36
CA VAL A 43 -9.34 -8.94 -8.99
C VAL A 43 -10.39 -9.95 -8.60
N ILE A 44 -9.92 -11.05 -8.07
CA ILE A 44 -10.78 -12.00 -7.46
C ILE A 44 -10.79 -11.81 -5.94
N LYS A 45 -11.99 -11.84 -5.39
CA LYS A 45 -12.15 -11.51 -4.00
C LYS A 45 -12.35 -12.72 -3.13
N ASN A 46 -11.72 -12.68 -1.97
CA ASN A 46 -11.83 -13.71 -0.99
C ASN A 46 -11.37 -15.10 -1.41
N SER A 47 -10.13 -15.21 -1.81
CA SER A 47 -9.61 -16.46 -2.24
C SER A 47 -8.10 -16.56 -2.11
N VAL A 48 -7.60 -17.73 -1.79
CA VAL A 48 -6.22 -18.03 -1.99
C VAL A 48 -6.00 -19.12 -3.05
N ASN A 49 -7.05 -19.47 -3.78
CA ASN A 49 -6.98 -20.39 -4.89
C ASN A 49 -7.81 -19.86 -6.04
N PRO A 50 -7.43 -18.68 -6.52
CA PRO A 50 -8.21 -18.01 -7.55
C PRO A 50 -8.17 -18.67 -8.92
N VAL A 51 -9.34 -18.81 -9.52
CA VAL A 51 -9.47 -19.29 -10.87
C VAL A 51 -9.91 -18.18 -11.81
N TRP A 52 -8.97 -17.53 -12.44
CA TRP A 52 -9.25 -16.52 -13.43
C TRP A 52 -9.74 -16.99 -14.81
N ASN A 53 -9.07 -17.98 -15.35
CA ASN A 53 -9.36 -18.43 -16.69
C ASN A 53 -9.42 -17.25 -17.65
N GLU A 54 -8.40 -16.40 -17.62
CA GLU A 54 -8.31 -15.26 -18.52
C GLU A 54 -7.19 -15.42 -19.56
N GLY A 55 -7.50 -15.06 -20.78
CA GLY A 55 -6.56 -15.11 -21.87
C GLY A 55 -5.97 -13.76 -22.17
N PHE A 56 -4.71 -13.74 -22.55
CA PHE A 56 -4.01 -12.53 -22.88
C PHE A 56 -3.24 -12.72 -24.19
N GLU A 57 -3.12 -11.66 -24.98
CA GLU A 57 -2.42 -11.66 -26.24
C GLU A 57 -1.51 -10.48 -26.35
N TRP A 58 -0.27 -10.71 -26.76
CA TRP A 58 0.67 -9.65 -27.07
C TRP A 58 1.05 -9.68 -28.56
N ASP A 59 0.88 -8.58 -29.26
CA ASP A 59 1.43 -8.48 -30.60
C ASP A 59 2.92 -8.56 -30.54
N LEU A 60 3.51 -9.40 -31.37
CA LEU A 60 4.93 -9.56 -31.40
C LEU A 60 5.65 -8.40 -32.12
N LYS A 61 4.91 -7.57 -32.84
CA LYS A 61 5.49 -6.35 -33.37
C LYS A 61 6.68 -6.56 -34.33
N GLY A 62 6.67 -7.69 -35.03
CA GLY A 62 7.67 -7.98 -36.00
C GLY A 62 8.96 -8.47 -35.39
N ILE A 63 8.92 -8.74 -34.10
CA ILE A 63 10.06 -9.26 -33.43
C ILE A 63 9.79 -10.71 -32.95
N PRO A 64 10.44 -11.65 -33.57
CA PRO A 64 10.24 -13.06 -33.24
C PRO A 64 10.65 -13.41 -31.84
N LEU A 65 10.02 -14.45 -31.33
CA LEU A 65 10.45 -15.06 -30.09
C LEU A 65 11.78 -15.72 -30.26
N ASP A 66 12.54 -15.82 -29.19
CA ASP A 66 13.78 -16.50 -29.21
C ASP A 66 13.97 -17.36 -27.95
N GLN A 67 15.09 -18.04 -27.88
CA GLN A 67 15.32 -19.01 -26.84
C GLN A 67 15.24 -18.41 -25.46
N GLY A 68 15.53 -17.13 -25.35
CA GLY A 68 15.59 -16.44 -24.09
C GLY A 68 14.34 -15.71 -23.66
N SER A 69 13.34 -15.71 -24.51
CA SER A 69 12.14 -14.96 -24.24
C SER A 69 11.45 -15.50 -23.00
N GLU A 70 10.87 -14.60 -22.24
CA GLU A 70 10.27 -14.97 -20.99
C GLU A 70 9.07 -14.13 -20.69
N LEU A 71 8.22 -14.69 -19.84
CA LEU A 71 7.00 -14.05 -19.43
C LEU A 71 7.02 -13.98 -17.91
N HIS A 72 6.70 -12.80 -17.39
CA HIS A 72 6.77 -12.51 -15.99
C HIS A 72 5.36 -12.38 -15.46
N VAL A 73 5.00 -13.17 -14.46
CA VAL A 73 3.70 -13.06 -13.81
C VAL A 73 3.87 -12.80 -12.32
N VAL A 74 3.17 -11.79 -11.84
CA VAL A 74 3.16 -11.42 -10.44
C VAL A 74 1.75 -11.52 -9.82
N VAL A 75 1.63 -12.11 -8.76
N VAL A 75 1.64 -12.11 -8.76
CA VAL A 75 0.33 -12.16 -8.09
CA VAL A 75 0.34 -12.16 -8.09
C VAL A 75 0.38 -11.36 -6.79
C VAL A 75 0.40 -11.34 -6.81
N LYS A 76 -0.55 -10.43 -6.64
CA LYS A 76 -0.62 -9.61 -5.47
C LYS A 76 -2.00 -9.67 -4.81
N ASP A 77 -2.07 -9.21 -3.58
CA ASP A 77 -3.29 -9.08 -2.81
C ASP A 77 -3.72 -7.62 -2.92
N HIS A 78 -4.80 -7.39 -3.62
CA HIS A 78 -5.25 -6.04 -3.89
C HIS A 78 -5.64 -5.29 -2.65
N GLU A 79 -5.21 -4.06 -2.54
CA GLU A 79 -5.62 -3.15 -1.50
C GLU A 79 -6.13 -1.86 -2.15
N THR A 80 -7.37 -1.49 -1.88
CA THR A 80 -7.89 -0.27 -2.52
C THR A 80 -7.15 0.93 -2.06
N MET A 81 -6.88 1.01 -0.77
CA MET A 81 -6.01 2.05 -0.29
C MET A 81 -4.61 1.46 -0.22
N GLY A 82 -3.80 2.04 -1.06
CA GLY A 82 -3.40 1.64 -2.38
C GLY A 82 -2.50 0.47 -2.67
N ARG A 83 -1.40 0.42 -1.94
CA ARG A 83 -0.30 -0.41 -2.36
C ARG A 83 -0.72 -1.84 -2.23
N ASN A 84 -0.72 -2.53 -3.34
CA ASN A 84 -1.04 -3.93 -3.33
C ASN A 84 0.04 -4.75 -2.63
N ARG A 85 -0.34 -5.83 -1.96
CA ARG A 85 0.61 -6.67 -1.26
C ARG A 85 1.13 -7.81 -2.14
N PHE A 86 2.45 -7.88 -2.26
CA PHE A 86 3.12 -8.87 -3.08
C PHE A 86 2.94 -10.21 -2.44
N LEU A 87 2.47 -11.18 -3.22
CA LEU A 87 2.34 -12.55 -2.79
C LEU A 87 3.43 -13.46 -3.41
N GLY A 88 3.55 -13.45 -4.71
CA GLY A 88 4.56 -14.25 -5.38
C GLY A 88 4.63 -14.00 -6.86
N GLU A 89 5.70 -14.47 -7.46
CA GLU A 89 5.99 -14.20 -8.85
C GLU A 89 6.71 -15.36 -9.54
N ALA A 90 6.59 -15.38 -10.85
CA ALA A 90 7.34 -16.32 -11.63
C ALA A 90 7.87 -15.79 -12.97
N LYS A 91 9.07 -16.21 -13.35
CA LYS A 91 9.53 -15.97 -14.70
C LYS A 91 9.25 -17.26 -15.46
N VAL A 92 8.47 -17.21 -16.50
CA VAL A 92 8.13 -18.35 -17.27
C VAL A 92 8.97 -18.41 -18.54
N PRO A 93 9.86 -19.39 -18.65
CA PRO A 93 10.69 -19.49 -19.84
C PRO A 93 9.89 -19.98 -21.04
N LEU A 94 9.98 -19.27 -22.14
CA LEU A 94 9.15 -19.50 -23.30
C LEU A 94 9.82 -20.40 -24.34
N ARG A 95 10.97 -20.92 -23.99
CA ARG A 95 11.77 -21.67 -24.93
C ARG A 95 11.00 -22.86 -25.46
N GLU A 96 10.25 -23.50 -24.57
CA GLU A 96 9.51 -24.70 -24.90
C GLU A 96 8.47 -24.46 -25.99
N VAL A 97 7.98 -23.24 -26.06
CA VAL A 97 6.98 -22.88 -27.03
C VAL A 97 7.48 -23.03 -28.47
N LEU A 98 8.80 -22.97 -28.63
CA LEU A 98 9.43 -22.99 -29.92
C LEU A 98 9.91 -24.38 -30.36
N ALA A 99 9.79 -25.32 -29.45
CA ALA A 99 10.32 -26.66 -29.63
C ALA A 99 9.65 -27.59 -30.63
N THR A 100 8.33 -27.51 -30.68
CA THR A 100 7.54 -28.40 -31.47
C THR A 100 6.53 -27.68 -32.32
N PRO A 101 5.96 -28.40 -33.28
CA PRO A 101 4.94 -27.85 -34.18
C PRO A 101 3.63 -27.47 -33.48
N SER A 102 3.49 -27.82 -32.22
CA SER A 102 2.36 -27.39 -31.43
C SER A 102 2.33 -25.87 -31.21
N LEU A 103 3.49 -25.26 -31.27
CA LEU A 103 3.63 -23.83 -31.04
C LEU A 103 3.15 -23.45 -29.65
N SER A 104 3.33 -24.36 -28.72
CA SER A 104 2.84 -24.14 -27.41
C SER A 104 3.50 -24.93 -26.31
N ALA A 105 3.19 -24.50 -25.10
CA ALA A 105 3.65 -25.16 -23.91
C ALA A 105 2.73 -24.90 -22.72
N SER A 106 2.84 -25.90 -21.77
N SER A 106 2.83 -25.91 -21.77
CA SER A 106 2.02 -25.78 -20.56
CA SER A 106 2.03 -25.77 -20.57
C SER A 106 2.93 -25.64 -19.35
C SER A 106 2.93 -25.63 -19.36
N PHE A 107 2.54 -24.76 -18.43
CA PHE A 107 3.27 -24.59 -17.20
C PHE A 107 2.42 -24.70 -15.93
N ASN A 108 3.01 -25.32 -14.92
CA ASN A 108 2.54 -25.28 -13.54
C ASN A 108 3.75 -24.79 -12.77
N ALA A 109 3.83 -23.49 -12.54
CA ALA A 109 5.02 -22.86 -12.04
C ALA A 109 4.92 -22.41 -10.59
N PRO A 110 5.98 -22.69 -9.82
CA PRO A 110 5.98 -22.21 -8.45
C PRO A 110 6.12 -20.72 -8.45
N LEU A 111 5.38 -20.11 -7.55
CA LEU A 111 5.48 -18.70 -7.26
C LEU A 111 6.49 -18.48 -6.13
N LEU A 112 7.47 -17.64 -6.44
CA LEU A 112 8.58 -17.35 -5.56
C LEU A 112 8.48 -15.95 -5.01
N ASP A 113 9.09 -15.73 -3.88
CA ASP A 113 9.20 -14.39 -3.35
C ASP A 113 10.36 -13.66 -3.98
N THR A 114 10.60 -12.42 -3.58
CA THR A 114 11.58 -11.60 -4.24
C THR A 114 13.01 -12.08 -4.03
N LYS A 115 13.21 -12.96 -3.09
CA LYS A 115 14.50 -13.55 -2.87
C LYS A 115 14.58 -15.00 -3.37
N LYS A 116 13.58 -15.35 -4.16
CA LYS A 116 13.51 -16.61 -4.85
C LYS A 116 13.09 -17.76 -3.97
N GLN A 117 12.68 -17.48 -2.75
CA GLN A 117 12.16 -18.52 -1.91
C GLN A 117 10.76 -18.93 -2.36
N PRO A 118 10.61 -20.23 -2.61
CA PRO A 118 9.28 -20.73 -2.98
C PRO A 118 8.25 -20.49 -1.90
N THR A 119 7.07 -20.04 -2.28
CA THR A 119 6.06 -19.65 -1.34
C THR A 119 5.10 -20.77 -1.01
N GLY A 120 5.18 -21.83 -1.77
CA GLY A 120 4.27 -22.95 -1.71
C GLY A 120 3.11 -22.84 -2.68
N ALA A 121 2.93 -21.66 -3.25
CA ALA A 121 1.92 -21.46 -4.25
C ALA A 121 2.43 -21.78 -5.65
N SER A 122 1.48 -21.99 -6.54
CA SER A 122 1.75 -22.34 -7.90
C SER A 122 0.85 -21.59 -8.85
N LEU A 123 1.30 -21.54 -10.10
CA LEU A 123 0.62 -20.84 -11.17
C LEU A 123 0.37 -21.78 -12.35
N VAL A 124 -0.86 -21.91 -12.79
CA VAL A 124 -1.20 -22.76 -13.92
C VAL A 124 -1.58 -21.96 -15.15
N LEU A 125 -0.83 -22.17 -16.23
CA LEU A 125 -1.04 -21.42 -17.43
C LEU A 125 -0.59 -22.12 -18.73
N GLN A 126 -1.19 -21.71 -19.83
CA GLN A 126 -0.77 -22.19 -21.12
C GLN A 126 -0.35 -21.05 -22.00
N VAL A 127 0.72 -21.28 -22.73
CA VAL A 127 1.28 -20.31 -23.63
C VAL A 127 1.41 -20.90 -25.02
N SER A 128 1.14 -20.06 -26.00
CA SER A 128 1.26 -20.43 -27.37
C SER A 128 1.57 -19.19 -28.20
N TYR A 129 1.89 -19.41 -29.46
CA TYR A 129 2.12 -18.31 -30.36
C TYR A 129 1.75 -18.58 -31.82
N THR A 130 1.62 -17.48 -32.55
CA THR A 130 1.42 -17.48 -33.98
C THR A 130 2.44 -16.58 -34.68
N THR B 4 3.39 22.45 19.27
CA THR B 4 4.29 22.37 20.41
C THR B 4 5.53 21.47 20.16
N HIS B 5 5.35 20.29 19.59
CA HIS B 5 6.46 19.55 19.05
C HIS B 5 6.23 19.21 17.59
N MET B 6 7.29 19.26 16.80
CA MET B 6 7.14 18.99 15.41
C MET B 6 8.31 18.29 14.73
N LEU B 7 8.02 17.63 13.64
CA LEU B 7 9.01 17.20 12.67
C LEU B 7 9.05 18.23 11.55
N ALA B 8 10.26 18.72 11.29
CA ALA B 8 10.53 19.64 10.23
C ALA B 8 11.53 19.08 9.20
N CYS B 9 11.15 19.20 7.94
CA CYS B 9 11.93 18.80 6.80
C CYS B 9 11.99 19.94 5.80
N LEU B 10 13.17 20.46 5.58
CA LEU B 10 13.37 21.35 4.48
C LEU B 10 13.86 20.53 3.29
N LEU B 11 13.05 20.49 2.25
CA LEU B 11 13.42 19.79 1.06
C LEU B 11 14.13 20.80 0.15
N VAL B 12 15.44 20.79 0.16
CA VAL B 12 16.17 21.72 -0.66
C VAL B 12 16.06 21.48 -2.15
N ARG B 13 16.38 20.26 -2.55
CA ARG B 13 16.45 19.85 -3.93
C ARG B 13 16.32 18.34 -4.19
N ALA B 14 16.03 18.02 -5.43
CA ALA B 14 16.31 16.71 -6.00
C ALA B 14 17.34 16.91 -7.10
N SER B 15 18.21 15.94 -7.29
CA SER B 15 19.18 16.05 -8.35
C SER B 15 19.26 14.77 -9.17
N ASN B 16 19.66 14.97 -10.41
CA ASN B 16 19.92 13.92 -11.34
C ASN B 16 18.70 13.05 -11.65
N LEU B 17 17.54 13.67 -11.73
CA LEU B 17 16.33 12.95 -12.07
C LEU B 17 16.39 12.34 -13.45
N PRO B 18 15.89 11.14 -13.58
CA PRO B 18 15.94 10.44 -14.86
C PRO B 18 14.96 10.99 -15.84
N SER B 19 15.31 11.11 -17.10
CA SER B 19 14.28 11.51 -18.03
C SER B 19 14.03 10.44 -19.10
N ALA B 20 12.83 9.87 -19.09
CA ALA B 20 12.41 8.86 -20.06
C ALA B 20 12.19 9.23 -21.54
N LYS B 21 11.50 10.32 -21.82
CA LYS B 21 11.28 10.68 -23.22
C LYS B 21 12.51 11.31 -23.81
N LYS B 22 12.49 11.45 -25.13
CA LYS B 22 13.62 11.98 -25.83
C LYS B 22 13.45 13.46 -25.50
N ASP B 23 13.59 13.73 -24.22
CA ASP B 23 13.49 15.08 -23.71
C ASP B 23 12.16 15.79 -23.93
N ARG B 24 11.06 15.12 -23.59
CA ARG B 24 9.84 15.81 -23.28
C ARG B 24 10.29 16.55 -22.01
N ARG B 25 9.79 17.75 -21.83
CA ARG B 25 10.22 18.55 -20.71
C ARG B 25 9.78 17.86 -19.42
N SER B 26 10.52 18.06 -18.36
CA SER B 26 10.20 17.39 -17.11
C SER B 26 9.80 18.40 -16.11
N ASP B 27 8.73 18.10 -15.37
CA ASP B 27 8.09 19.03 -14.47
C ASP B 27 7.97 18.36 -13.10
N PRO B 28 9.06 18.33 -12.33
CA PRO B 28 9.06 17.57 -11.08
C PRO B 28 8.22 18.15 -9.97
N VAL B 29 7.54 17.25 -9.29
CA VAL B 29 6.79 17.57 -8.12
C VAL B 29 7.03 16.47 -7.10
N ALA B 30 7.16 16.82 -5.84
CA ALA B 30 7.42 15.86 -4.80
C ALA B 30 6.31 15.82 -3.78
N SER B 31 5.98 14.63 -3.36
CA SER B 31 5.21 14.44 -2.07
CA SER B 31 5.21 14.46 -2.06
C SER B 31 6.05 13.72 -0.80
N LEU B 32 5.80 14.34 0.33
CA LEU B 32 6.39 13.91 1.57
C LEU B 32 5.27 13.42 2.48
N THR B 33 5.41 12.20 2.96
CA THR B 33 4.45 11.60 3.86
C THR B 33 5.02 11.11 5.18
N PHE B 34 4.38 11.55 6.25
CA PHE B 34 4.71 11.18 7.60
C PHE B 34 3.47 10.82 8.39
N ARG B 35 3.43 9.58 8.84
CA ARG B 35 2.33 9.09 9.63
C ARG B 35 1.00 9.32 8.92
N GLY B 36 1.03 9.16 7.61
CA GLY B 36 -0.16 9.20 6.78
C GLY B 36 -0.59 10.56 6.31
N VAL B 37 0.15 11.59 6.66
CA VAL B 37 -0.16 12.90 6.18
C VAL B 37 0.80 13.29 5.08
N LYS B 38 0.27 13.48 3.89
CA LYS B 38 1.00 13.78 2.67
C LYS B 38 0.97 15.26 2.35
N LYS B 39 2.12 15.79 2.01
CA LYS B 39 2.27 17.17 1.63
C LYS B 39 3.06 17.23 0.34
N ARG B 40 2.83 18.26 -0.47
CA ARG B 40 3.44 18.34 -1.77
C ARG B 40 4.10 19.65 -1.97
N THR B 41 5.13 19.63 -2.80
CA THR B 41 5.81 20.82 -3.26
C THR B 41 5.06 21.47 -4.40
N LYS B 42 5.52 22.63 -4.80
CA LYS B 42 5.15 23.25 -6.05
C LYS B 42 5.71 22.42 -7.18
N VAL B 43 5.12 22.61 -8.36
CA VAL B 43 5.66 22.09 -9.55
C VAL B 43 6.82 22.98 -10.00
N ILE B 44 7.94 22.34 -10.24
CA ILE B 44 8.99 23.05 -11.12
CA ILE B 44 8.97 23.06 -11.13
C ILE B 44 9.09 22.81 -12.66
N LYS B 45 8.76 23.61 -13.64
CA LYS B 45 8.74 23.15 -15.00
C LYS B 45 10.15 22.98 -15.56
N ASN B 46 10.31 22.03 -16.45
CA ASN B 46 11.48 21.89 -17.26
C ASN B 46 12.75 21.79 -16.48
N SER B 47 12.83 20.80 -15.62
CA SER B 47 14.02 20.57 -14.83
C SER B 47 14.20 19.10 -14.51
N VAL B 48 15.44 18.70 -14.39
CA VAL B 48 15.76 17.45 -13.72
C VAL B 48 16.59 17.67 -12.43
N ASN B 49 16.78 18.94 -12.10
CA ASN B 49 17.50 19.37 -10.92
C ASN B 49 16.72 20.47 -10.24
N PRO B 50 15.54 20.09 -9.77
CA PRO B 50 14.64 21.02 -9.11
C PRO B 50 15.12 21.47 -7.74
N VAL B 51 15.17 22.78 -7.55
CA VAL B 51 15.49 23.34 -6.28
C VAL B 51 14.23 23.93 -5.67
N TRP B 52 13.50 23.12 -4.93
CA TRP B 52 12.29 23.57 -4.26
C TRP B 52 12.53 24.56 -3.09
N ASN B 53 13.46 24.22 -2.21
CA ASN B 53 13.73 24.95 -1.00
C ASN B 53 12.45 25.21 -0.23
N GLU B 54 11.67 24.15 -0.09
CA GLU B 54 10.42 24.23 0.61
C GLU B 54 10.49 23.48 1.94
N GLY B 55 10.00 24.12 3.00
CA GLY B 55 9.94 23.57 4.33
C GLY B 55 8.58 22.97 4.69
N PHE B 56 8.62 21.84 5.36
CA PHE B 56 7.45 21.11 5.77
C PHE B 56 7.50 20.85 7.26
N GLU B 57 6.32 20.78 7.85
CA GLU B 57 6.18 20.56 9.27
C GLU B 57 5.02 19.62 9.57
N TRP B 58 5.27 18.62 10.38
CA TRP B 58 4.24 17.75 10.89
C TRP B 58 4.14 17.92 12.41
N ASP B 59 2.96 18.27 12.85
CA ASP B 59 2.69 18.31 14.27
C ASP B 59 2.66 16.90 14.76
N LEU B 60 3.46 16.63 15.76
CA LEU B 60 3.52 15.13 16.29
CA LEU B 60 3.53 15.13 16.30
C LEU B 60 2.33 14.60 17.19
N LYS B 61 1.64 15.64 17.64
CA LYS B 61 0.41 15.48 18.37
C LYS B 61 0.57 14.52 19.51
N GLY B 62 1.60 14.78 20.29
CA GLY B 62 1.83 14.09 21.51
C GLY B 62 2.49 12.74 21.31
N ILE B 63 2.84 12.40 20.07
CA ILE B 63 3.51 11.17 19.79
C ILE B 63 4.94 11.40 19.27
N PRO B 64 5.90 11.20 20.15
CA PRO B 64 7.30 11.44 19.80
C PRO B 64 7.83 10.52 18.72
N LEU B 65 8.88 10.99 18.07
CA LEU B 65 9.58 10.18 17.13
C LEU B 65 10.22 9.02 17.87
N ASP B 66 10.44 7.93 17.16
CA ASP B 66 11.07 6.75 17.72
C ASP B 66 11.97 6.10 16.70
N GLN B 67 12.62 4.98 17.04
CA GLN B 67 13.65 4.38 16.19
C GLN B 67 13.11 3.90 14.83
N GLY B 68 11.81 3.76 14.74
CA GLY B 68 11.21 3.27 13.53
C GLY B 68 10.60 4.36 12.66
N SER B 69 10.69 5.60 13.10
CA SER B 69 10.10 6.68 12.34
C SER B 69 10.79 6.87 11.00
N GLU B 70 10.01 7.26 10.00
CA GLU B 70 10.50 7.39 8.66
C GLU B 70 9.69 8.41 7.89
N LEU B 71 10.28 8.98 6.86
CA LEU B 71 9.65 9.95 5.99
C LEU B 71 9.69 9.32 4.62
N HIS B 72 8.59 9.35 3.91
CA HIS B 72 8.50 8.80 2.60
C HIS B 72 8.38 9.92 1.61
N VAL B 73 9.32 10.02 0.69
CA VAL B 73 9.31 11.04 -0.32
C VAL B 73 9.25 10.43 -1.71
N VAL B 74 8.37 10.96 -2.52
CA VAL B 74 8.18 10.54 -3.89
C VAL B 74 8.31 11.72 -4.85
N VAL B 75 9.06 11.54 -5.91
CA VAL B 75 9.16 12.56 -6.93
C VAL B 75 8.55 12.03 -8.22
N LYS B 76 7.75 12.86 -8.86
CA LYS B 76 7.09 12.51 -10.10
C LYS B 76 7.17 13.66 -11.09
N ASP B 77 6.83 13.34 -12.32
CA ASP B 77 6.81 14.30 -13.40
C ASP B 77 5.38 14.76 -13.56
N HIS B 78 5.13 16.02 -13.25
CA HIS B 78 3.79 16.53 -13.27
C HIS B 78 3.25 16.52 -14.67
N GLU B 79 2.04 16.01 -14.78
CA GLU B 79 1.23 16.14 -15.97
C GLU B 79 -0.04 16.87 -15.55
N THR B 80 -0.28 18.05 -16.10
CA THR B 80 -1.49 18.82 -15.83
C THR B 80 -2.69 17.94 -16.16
N MET B 81 -2.52 17.10 -17.15
CA MET B 81 -3.61 16.23 -17.54
C MET B 81 -3.26 14.79 -17.26
N GLY B 82 -4.07 14.17 -16.42
CA GLY B 82 -3.82 12.82 -16.03
C GLY B 82 -2.81 12.65 -14.91
N ARG B 83 -2.33 11.43 -14.78
CA ARG B 83 -1.53 11.04 -13.67
C ARG B 83 -0.09 11.37 -13.90
N ASN B 84 0.53 11.81 -12.82
CA ASN B 84 1.92 12.12 -12.82
C ASN B 84 2.69 10.84 -12.93
N ARG B 85 3.87 10.95 -13.48
CA ARG B 85 4.67 9.82 -13.81
C ARG B 85 5.79 9.69 -12.79
N PHE B 86 5.86 8.51 -12.22
CA PHE B 86 6.78 8.19 -11.14
C PHE B 86 8.18 8.36 -11.62
N LEU B 87 9.02 8.99 -10.81
CA LEU B 87 10.42 9.06 -11.10
C LEU B 87 11.34 8.36 -10.10
N GLY B 88 11.08 8.56 -8.82
CA GLY B 88 11.81 7.92 -7.74
C GLY B 88 11.22 8.19 -6.38
N GLU B 89 11.57 7.34 -5.43
CA GLU B 89 11.14 7.49 -4.06
C GLU B 89 12.21 7.06 -3.09
N ALA B 90 12.12 7.58 -1.89
CA ALA B 90 13.01 7.20 -0.84
C ALA B 90 12.23 7.03 0.43
N LYS B 91 12.61 6.00 1.17
CA LYS B 91 12.17 5.85 2.52
C LYS B 91 13.33 6.31 3.38
N VAL B 92 13.10 7.37 4.13
CA VAL B 92 14.13 7.97 4.89
C VAL B 92 13.96 7.72 6.37
N PRO B 93 14.78 6.84 6.90
CA PRO B 93 14.78 6.59 8.34
C PRO B 93 15.28 7.78 9.12
N LEU B 94 14.57 8.11 10.18
CA LEU B 94 14.82 9.30 10.94
C LEU B 94 15.64 9.05 12.18
N ARG B 95 16.11 7.84 12.37
CA ARG B 95 16.78 7.52 13.62
C ARG B 95 18.07 8.32 13.84
N GLU B 96 18.67 8.76 12.76
CA GLU B 96 19.89 9.58 12.83
C GLU B 96 19.58 10.83 13.63
N VAL B 97 18.39 11.36 13.46
CA VAL B 97 18.02 12.58 14.09
C VAL B 97 18.12 12.39 15.59
N LEU B 98 17.79 11.19 16.03
CA LEU B 98 17.70 10.87 17.43
C LEU B 98 19.01 10.43 18.07
N ALA B 99 20.04 10.28 17.25
CA ALA B 99 21.32 9.78 17.72
C ALA B 99 22.04 10.72 18.67
N THR B 100 21.84 12.01 18.48
CA THR B 100 22.48 13.06 19.24
C THR B 100 21.47 14.09 19.69
N PRO B 101 21.88 14.87 20.68
CA PRO B 101 21.01 15.83 21.33
C PRO B 101 20.62 17.02 20.43
N SER B 102 21.26 17.14 19.30
CA SER B 102 20.91 18.14 18.30
C SER B 102 19.52 17.86 17.74
N LEU B 103 19.15 16.59 17.74
CA LEU B 103 17.87 16.18 17.24
C LEU B 103 17.70 16.77 15.82
N SER B 104 18.75 16.65 15.03
CA SER B 104 18.73 17.13 13.67
C SER B 104 19.64 16.32 12.77
N ALA B 105 19.38 16.34 11.47
CA ALA B 105 20.24 15.68 10.51
C ALA B 105 20.13 16.25 9.11
N SER B 106 21.20 16.09 8.37
CA SER B 106 21.25 16.41 6.96
C SER B 106 21.21 15.09 6.20
N PHE B 107 20.25 14.96 5.32
CA PHE B 107 20.10 13.77 4.51
C PHE B 107 20.38 14.08 3.03
N ASN B 108 21.10 13.19 2.40
CA ASN B 108 21.28 13.15 0.97
C ASN B 108 20.82 11.73 0.60
N ALA B 109 19.58 11.60 0.22
CA ALA B 109 18.94 10.32 0.07
C ALA B 109 18.75 9.89 -1.37
N PRO B 110 19.22 8.65 -1.63
CA PRO B 110 19.08 8.07 -2.96
C PRO B 110 17.65 7.74 -3.28
N LEU B 111 17.23 8.06 -4.48
CA LEU B 111 15.87 7.86 -4.92
C LEU B 111 15.92 6.57 -5.72
N LEU B 112 15.00 5.70 -5.36
CA LEU B 112 14.93 4.37 -5.90
C LEU B 112 13.64 4.21 -6.67
N ASP B 113 13.62 3.23 -7.56
CA ASP B 113 12.42 2.85 -8.26
C ASP B 113 11.53 1.95 -7.42
N THR B 114 10.38 1.60 -7.94
CA THR B 114 9.41 0.86 -7.16
C THR B 114 9.93 -0.52 -6.84
N LYS B 115 10.95 -0.94 -7.54
CA LYS B 115 11.55 -2.25 -7.26
C LYS B 115 12.83 -2.14 -6.45
N LYS B 116 13.04 -0.99 -5.83
CA LYS B 116 14.17 -0.74 -4.96
C LYS B 116 15.53 -0.67 -5.65
N GLN B 117 15.53 -0.30 -6.92
CA GLN B 117 16.73 -0.16 -7.67
C GLN B 117 17.06 1.31 -7.84
N PRO B 118 18.34 1.64 -7.79
CA PRO B 118 18.73 3.04 -7.81
C PRO B 118 18.38 3.75 -9.13
N THR B 119 17.84 4.96 -9.08
CA THR B 119 17.59 5.71 -10.29
C THR B 119 18.73 6.62 -10.68
N GLY B 120 19.66 6.80 -9.75
CA GLY B 120 20.73 7.74 -9.90
C GLY B 120 20.43 9.10 -9.32
N ALA B 121 19.17 9.31 -9.01
CA ALA B 121 18.71 10.54 -8.44
C ALA B 121 18.86 10.58 -6.94
N SER B 122 18.77 11.78 -6.39
CA SER B 122 18.85 11.98 -4.95
C SER B 122 18.08 13.20 -4.42
N LEU B 123 17.91 13.21 -3.11
CA LEU B 123 17.21 14.23 -2.39
C LEU B 123 18.10 14.86 -1.34
N VAL B 124 18.07 16.16 -1.18
CA VAL B 124 18.74 16.79 -0.07
C VAL B 124 17.69 17.31 0.89
N LEU B 125 17.70 16.76 2.10
CA LEU B 125 16.77 17.06 3.15
C LEU B 125 17.47 17.53 4.41
N GLN B 126 17.04 18.66 4.96
CA GLN B 126 17.49 19.10 6.25
C GLN B 126 16.32 18.90 7.22
N VAL B 127 16.51 17.97 8.15
CA VAL B 127 15.50 17.54 9.06
C VAL B 127 15.83 17.90 10.50
N SER B 128 14.86 18.42 11.20
CA SER B 128 14.99 18.79 12.59
C SER B 128 13.72 18.48 13.39
N TYR B 129 13.93 18.25 14.68
CA TYR B 129 12.91 17.80 15.61
C TYR B 129 12.90 18.72 16.78
N THR B 130 11.80 19.44 16.98
CA THR B 130 11.66 20.36 18.09
C THR B 130 10.34 20.14 18.86
N ILE C 3 10.13 -9.61 26.78
CA ILE C 3 8.76 -9.99 26.47
C ILE C 3 8.14 -8.94 25.60
N THR C 4 7.50 -9.39 24.54
CA THR C 4 6.79 -8.47 23.70
C THR C 4 5.52 -8.03 24.38
N HIS C 5 5.18 -6.76 24.23
CA HIS C 5 3.93 -6.23 24.72
C HIS C 5 3.15 -5.69 23.54
N MET C 6 1.90 -6.14 23.39
CA MET C 6 1.03 -5.74 22.28
C MET C 6 -0.35 -5.29 22.73
N LEU C 7 -0.93 -4.37 21.97
CA LEU C 7 -2.31 -3.98 22.06
C LEU C 7 -3.03 -4.69 20.93
N ALA C 8 -4.11 -5.39 21.28
CA ALA C 8 -4.88 -6.10 20.29
C ALA C 8 -6.30 -5.57 20.21
N CYS C 9 -6.77 -5.34 19.01
CA CYS C 9 -8.13 -4.93 18.79
C CYS C 9 -8.78 -5.78 17.72
N LEU C 10 -9.90 -6.40 18.03
CA LEU C 10 -10.69 -7.06 17.04
C LEU C 10 -11.79 -6.12 16.64
N LEU C 11 -11.75 -5.67 15.39
CA LEU C 11 -12.81 -4.87 14.87
C LEU C 11 -13.86 -5.80 14.32
N VAL C 12 -14.92 -5.93 15.09
CA VAL C 12 -15.98 -6.79 14.66
C VAL C 12 -16.83 -6.20 13.55
N ARG C 13 -17.47 -5.07 13.83
CA ARG C 13 -18.37 -4.46 12.91
C ARG C 13 -18.72 -3.01 13.25
N ALA C 14 -19.37 -2.38 12.29
CA ALA C 14 -20.02 -1.11 12.46
C ALA C 14 -21.49 -1.28 12.17
N SER C 15 -22.31 -0.52 12.87
CA SER C 15 -23.73 -0.66 12.85
C SER C 15 -24.39 0.67 12.51
N ASN C 16 -25.42 0.61 11.67
CA ASN C 16 -26.27 1.73 11.36
C ASN C 16 -25.51 2.93 10.83
N LEU C 17 -24.68 2.72 9.84
CA LEU C 17 -23.93 3.81 9.27
C LEU C 17 -24.88 4.73 8.57
N PRO C 18 -24.58 6.02 8.62
CA PRO C 18 -25.56 6.97 8.13
C PRO C 18 -25.56 6.71 6.70
N SER C 19 -26.72 6.31 6.22
CA SER C 19 -26.81 5.64 4.96
C SER C 19 -26.31 6.62 3.95
N ALA C 20 -26.74 7.85 4.14
CA ALA C 20 -26.43 8.97 3.26
C ALA C 20 -27.32 8.89 2.04
N LYS C 21 -27.99 7.75 1.88
CA LYS C 21 -28.79 7.47 0.71
C LYS C 21 -28.10 7.72 -0.60
N LYS C 22 -28.69 8.64 -1.34
CA LYS C 22 -28.93 8.59 -2.74
C LYS C 22 -27.62 8.29 -3.36
N ASP C 23 -27.70 7.35 -4.30
CA ASP C 23 -26.79 6.24 -4.59
C ASP C 23 -25.44 6.59 -5.17
N ARG C 24 -24.56 5.62 -5.31
CA ARG C 24 -24.69 4.31 -4.69
C ARG C 24 -24.03 4.53 -3.37
N ARG C 25 -24.44 3.72 -2.44
CA ARG C 25 -24.70 4.16 -1.16
C ARG C 25 -23.41 4.17 -0.44
N SER C 26 -22.90 3.01 -0.06
CA SER C 26 -21.65 3.07 0.67
C SER C 26 -20.87 1.79 0.73
N ASP C 27 -19.57 1.97 0.54
CA ASP C 27 -18.61 0.90 0.72
C ASP C 27 -17.69 1.32 1.79
N PRO C 28 -18.02 0.91 3.00
CA PRO C 28 -17.24 1.31 4.16
C PRO C 28 -15.82 0.75 4.30
N VAL C 29 -14.98 1.63 4.79
CA VAL C 29 -13.63 1.28 5.12
C VAL C 29 -13.28 1.92 6.47
N ALA C 30 -12.52 1.21 7.27
CA ALA C 30 -12.20 1.70 8.59
C ALA C 30 -10.70 1.78 8.78
N SER C 31 -10.30 2.84 9.42
CA SER C 31 -8.98 2.99 9.91
C SER C 31 -8.94 3.06 11.43
N LEU C 32 -7.91 2.43 11.99
CA LEU C 32 -7.62 2.48 13.39
C LEU C 32 -6.20 2.95 13.70
N THR C 33 -6.10 3.97 14.53
CA THR C 33 -4.84 4.53 14.91
C THR C 33 -4.60 4.55 16.39
N PHE C 34 -3.45 4.07 16.73
CA PHE C 34 -2.93 4.10 18.07
C PHE C 34 -1.48 4.59 18.05
N ARG C 35 -1.22 5.65 18.80
CA ARG C 35 0.12 6.17 18.98
C ARG C 35 0.79 6.33 17.64
N GLY C 36 0.09 6.98 16.74
CA GLY C 36 0.65 7.40 15.47
C GLY C 36 0.72 6.35 14.40
N VAL C 37 0.28 5.14 14.71
CA VAL C 37 0.37 4.07 13.78
C VAL C 37 -1.03 3.72 13.30
N LYS C 38 -1.29 3.90 12.00
CA LYS C 38 -2.60 3.77 11.43
C LYS C 38 -2.71 2.46 10.67
N LYS C 39 -3.83 1.78 10.89
CA LYS C 39 -4.09 0.54 10.20
C LYS C 39 -5.48 0.63 9.57
N ARG C 40 -5.72 -0.13 8.51
CA ARG C 40 -6.93 -0.08 7.72
C ARG C 40 -7.53 -1.44 7.48
N THR C 41 -8.84 -1.51 7.45
CA THR C 41 -9.54 -2.67 6.97
C THR C 41 -9.56 -2.62 5.47
N LYS C 42 -10.01 -3.70 4.86
CA LYS C 42 -10.42 -3.66 3.48
C LYS C 42 -11.81 -3.05 3.36
N VAL C 43 -12.09 -2.58 2.15
CA VAL C 43 -13.37 -2.04 1.81
C VAL C 43 -14.45 -3.10 1.72
N ILE C 44 -15.62 -2.81 2.26
CA ILE C 44 -16.74 -3.73 2.18
C ILE C 44 -17.77 -3.06 1.30
N LYS C 45 -18.29 -3.81 0.35
CA LYS C 45 -19.14 -3.23 -0.66
C LYS C 45 -20.61 -3.18 -0.26
N ASN C 46 -21.24 -2.04 -0.48
CA ASN C 46 -22.67 -1.96 -0.35
C ASN C 46 -23.24 -2.47 0.95
N SER C 47 -22.86 -1.75 1.99
CA SER C 47 -23.38 -2.03 3.30
C SER C 47 -23.36 -0.80 4.18
N VAL C 48 -24.33 -0.73 5.07
CA VAL C 48 -24.28 0.19 6.18
C VAL C 48 -24.12 -0.57 7.51
N ASN C 49 -23.92 -1.87 7.40
CA ASN C 49 -23.65 -2.74 8.57
C ASN C 49 -22.51 -3.69 8.28
N PRO C 50 -21.34 -3.14 8.03
CA PRO C 50 -20.19 -3.95 7.63
C PRO C 50 -19.59 -4.79 8.74
N VAL C 51 -19.37 -6.07 8.47
CA VAL C 51 -18.78 -6.96 9.41
C VAL C 51 -17.37 -7.29 8.94
N TRP C 52 -16.37 -6.77 9.60
CA TRP C 52 -15.01 -7.07 9.24
C TRP C 52 -14.43 -8.28 9.97
N ASN C 53 -14.62 -8.35 11.27
CA ASN C 53 -14.04 -9.41 12.04
C ASN C 53 -12.57 -9.53 11.80
N GLU C 54 -11.91 -8.38 11.84
CA GLU C 54 -10.49 -8.32 11.61
C GLU C 54 -9.75 -7.84 12.83
N GLY C 55 -8.68 -8.56 13.12
CA GLY C 55 -7.82 -8.31 14.24
C GLY C 55 -6.60 -7.49 13.86
N PHE C 56 -6.31 -6.55 14.71
CA PHE C 56 -5.20 -5.63 14.53
C PHE C 56 -4.34 -5.65 15.79
N GLU C 57 -3.02 -5.50 15.64
CA GLU C 57 -2.18 -5.36 16.79
C GLU C 57 -1.06 -4.33 16.66
N TRP C 58 -0.75 -3.69 17.77
CA TRP C 58 0.25 -2.65 17.85
C TRP C 58 1.30 -3.08 18.86
N ASP C 59 2.56 -3.04 18.46
CA ASP C 59 3.64 -3.32 19.37
C ASP C 59 3.73 -2.09 20.24
N LEU C 60 3.63 -2.27 21.54
CA LEU C 60 3.70 -1.18 22.48
C LEU C 60 5.13 -0.62 22.69
N LYS C 61 6.11 -1.37 22.24
CA LYS C 61 7.49 -0.93 22.30
C LYS C 61 7.83 -0.54 23.72
N GLY C 62 7.36 -1.33 24.65
CA GLY C 62 7.65 -1.15 26.06
C GLY C 62 7.07 0.05 26.74
N ILE C 63 6.17 0.77 26.09
CA ILE C 63 5.53 1.90 26.68
C ILE C 63 4.18 1.42 27.19
N PRO C 64 4.00 1.49 28.50
CA PRO C 64 2.76 0.99 29.06
C PRO C 64 1.56 1.83 28.66
N LEU C 65 0.42 1.20 28.70
CA LEU C 65 -0.83 1.89 28.57
C LEU C 65 -1.08 2.69 29.83
N ASP C 66 -1.86 3.72 29.72
CA ASP C 66 -2.23 4.52 30.83
C ASP C 66 -3.68 4.93 30.73
N GLN C 67 -4.12 5.63 31.76
CA GLN C 67 -5.50 6.03 31.89
C GLN C 67 -5.93 6.92 30.72
N GLY C 68 -4.98 7.54 30.05
CA GLY C 68 -5.26 8.38 28.91
C GLY C 68 -5.17 7.72 27.53
N SER C 69 -4.84 6.45 27.53
CA SER C 69 -4.70 5.73 26.30
C SER C 69 -6.02 5.62 25.53
N GLU C 70 -5.93 5.79 24.23
CA GLU C 70 -7.09 5.67 23.40
C GLU C 70 -6.84 5.26 21.97
N LEU C 71 -7.87 4.70 21.36
CA LEU C 71 -7.80 4.20 20.00
C LEU C 71 -8.74 5.00 19.12
N HIS C 72 -8.24 5.47 18.01
CA HIS C 72 -8.99 6.37 17.18
C HIS C 72 -9.43 5.65 15.93
N VAL C 73 -10.73 5.49 15.80
CA VAL C 73 -11.32 4.80 14.67
C VAL C 73 -12.18 5.71 13.79
N VAL C 74 -11.93 5.64 12.49
CA VAL C 74 -12.63 6.45 11.51
C VAL C 74 -13.21 5.55 10.48
N VAL C 75 -14.49 5.75 10.19
CA VAL C 75 -15.15 5.05 9.12
C VAL C 75 -15.52 6.01 8.02
N LYS C 76 -15.25 5.57 6.81
CA LYS C 76 -15.46 6.33 5.59
C LYS C 76 -16.05 5.45 4.52
N ASP C 77 -16.76 6.08 3.61
CA ASP C 77 -17.32 5.47 2.43
C ASP C 77 -16.34 5.70 1.28
N HIS C 78 -15.86 4.61 0.73
CA HIS C 78 -14.96 4.70 -0.40
C HIS C 78 -15.72 4.41 -1.70
N GLU C 79 -16.19 5.44 -2.36
CA GLU C 79 -16.23 5.57 -3.81
C GLU C 79 -15.59 6.91 -3.86
N THR C 80 -14.37 7.05 -4.34
CA THR C 80 -13.65 6.14 -5.18
C THR C 80 -12.26 6.60 -4.92
N MET C 81 -11.35 6.27 -5.83
CA MET C 81 -9.95 6.30 -5.53
C MET C 81 -9.58 7.67 -5.12
N GLY C 82 -10.22 8.64 -5.73
CA GLY C 82 -10.02 10.01 -5.31
C GLY C 82 -10.54 10.33 -3.92
N ARG C 83 -11.76 9.94 -3.65
CA ARG C 83 -12.46 10.45 -2.51
C ARG C 83 -13.03 9.38 -1.56
N ASN C 84 -12.82 9.61 -0.27
CA ASN C 84 -13.41 8.78 0.73
C ASN C 84 -14.18 9.67 1.65
N ARG C 85 -15.48 9.43 1.70
CA ARG C 85 -16.38 10.31 2.42
C ARG C 85 -16.53 9.96 3.89
N PHE C 86 -16.41 10.95 4.73
CA PHE C 86 -16.43 10.71 6.16
C PHE C 86 -17.81 10.28 6.59
N LEU C 87 -17.87 9.21 7.35
CA LEU C 87 -19.10 8.77 7.90
C LEU C 87 -19.21 8.97 9.42
N GLY C 88 -18.22 8.51 10.15
CA GLY C 88 -18.21 8.68 11.57
C GLY C 88 -16.89 8.30 12.18
N GLU C 89 -16.62 8.76 13.38
CA GLU C 89 -15.42 8.40 14.09
C GLU C 89 -15.60 8.27 15.61
N ALA C 90 -14.75 7.50 16.23
CA ALA C 90 -14.74 7.38 17.66
C ALA C 90 -13.37 7.41 18.25
N LYS C 91 -13.23 8.10 19.37
CA LYS C 91 -12.04 7.99 20.17
C LYS C 91 -12.42 7.12 21.35
N VAL C 92 -11.86 5.94 21.38
CA VAL C 92 -12.24 4.93 22.33
C VAL C 92 -11.25 4.86 23.47
N PRO C 93 -11.73 5.13 24.67
CA PRO C 93 -10.87 5.10 25.83
C PRO C 93 -10.56 3.68 26.20
N LEU C 94 -9.30 3.40 26.40
CA LEU C 94 -8.90 2.03 26.67
C LEU C 94 -8.65 1.70 28.15
N ARG C 95 -8.95 2.64 29.02
CA ARG C 95 -8.51 2.54 30.40
C ARG C 95 -9.07 1.27 31.04
N GLU C 96 -10.17 0.82 30.50
CA GLU C 96 -10.87 -0.29 31.09
C GLU C 96 -10.00 -1.54 31.14
N VAL C 97 -9.18 -1.74 30.14
CA VAL C 97 -8.37 -2.94 30.04
C VAL C 97 -7.33 -3.01 31.18
N LEU C 98 -7.14 -1.90 31.86
CA LEU C 98 -6.17 -1.80 32.93
C LEU C 98 -6.73 -2.13 34.31
N ALA C 99 -8.03 -2.33 34.38
CA ALA C 99 -8.71 -2.52 35.64
C ALA C 99 -8.85 -3.97 36.06
N THR C 100 -8.66 -4.86 35.12
CA THR C 100 -8.98 -6.24 35.28
C THR C 100 -7.85 -7.16 34.94
N PRO C 101 -7.75 -8.29 35.65
CA PRO C 101 -6.75 -9.31 35.34
C PRO C 101 -6.96 -9.92 33.97
N SER C 102 -8.12 -9.70 33.39
CA SER C 102 -8.41 -10.20 32.07
C SER C 102 -7.57 -9.49 31.00
N LEU C 103 -7.19 -8.27 31.30
CA LEU C 103 -6.38 -7.46 30.39
C LEU C 103 -7.11 -7.20 29.10
N SER C 104 -8.40 -7.22 29.25
CA SER C 104 -9.40 -7.13 28.11
CA SER C 104 -9.37 -7.10 28.10
C SER C 104 -10.80 -6.44 28.28
N ALA C 105 -11.33 -5.81 27.29
CA ALA C 105 -12.64 -5.26 27.35
C ALA C 105 -13.34 -5.33 26.00
N SER C 106 -14.64 -5.15 26.05
CA SER C 106 -15.46 -4.97 24.88
C SER C 106 -16.11 -3.59 24.87
N PHE C 107 -16.15 -2.99 23.69
CA PHE C 107 -16.69 -1.67 23.49
C PHE C 107 -17.73 -1.67 22.40
N ASN C 108 -18.74 -0.87 22.62
CA ASN C 108 -19.67 -0.52 21.62
C ASN C 108 -19.65 1.00 21.58
N ALA C 109 -18.80 1.55 20.74
CA ALA C 109 -18.49 2.96 20.74
C ALA C 109 -19.29 3.68 19.71
N PRO C 110 -19.95 4.75 20.16
CA PRO C 110 -20.73 5.53 19.23
C PRO C 110 -19.85 6.21 18.20
N LEU C 111 -20.32 6.25 16.97
CA LEU C 111 -19.61 6.96 15.96
C LEU C 111 -20.23 8.35 15.84
N LEU C 112 -19.40 9.37 16.02
CA LEU C 112 -19.79 10.75 15.97
C LEU C 112 -19.38 11.43 14.65
N ASP C 113 -20.07 12.51 14.31
CA ASP C 113 -19.71 13.26 13.13
C ASP C 113 -18.61 14.25 13.39
N THR C 114 -18.33 15.10 12.42
CA THR C 114 -17.23 16.02 12.53
C THR C 114 -17.40 16.95 13.69
N LYS C 115 -18.63 17.24 14.05
CA LYS C 115 -18.91 18.16 15.14
C LYS C 115 -19.03 17.40 16.46
N LYS C 116 -18.68 16.13 16.43
CA LYS C 116 -18.82 15.28 17.59
C LYS C 116 -20.24 15.09 18.03
N GLN C 117 -21.12 15.01 17.07
CA GLN C 117 -22.49 14.79 17.35
C GLN C 117 -22.84 13.36 17.00
N PRO C 118 -23.84 12.81 17.68
CA PRO C 118 -24.25 11.43 17.39
C PRO C 118 -24.83 11.20 16.02
N THR C 119 -24.39 10.14 15.36
CA THR C 119 -24.91 9.80 14.07
C THR C 119 -25.91 8.68 14.08
N GLY C 120 -26.03 7.97 15.19
CA GLY C 120 -26.81 6.77 15.32
C GLY C 120 -26.05 5.50 15.00
N ALA C 121 -24.84 5.67 14.49
CA ALA C 121 -23.97 4.58 14.14
C ALA C 121 -23.09 4.14 15.32
N SER C 122 -22.62 2.91 15.27
CA SER C 122 -21.78 2.39 16.31
C SER C 122 -20.73 1.41 15.80
N LEU C 123 -19.75 1.18 16.65
CA LEU C 123 -18.61 0.36 16.39
C LEU C 123 -18.43 -0.68 17.49
N VAL C 124 -18.33 -1.95 17.14
CA VAL C 124 -18.08 -3.00 18.10
C VAL C 124 -16.63 -3.50 18.02
N LEU C 125 -15.94 -3.39 19.15
CA LEU C 125 -14.55 -3.71 19.27
C LEU C 125 -14.31 -4.56 20.47
N GLN C 126 -13.33 -5.43 20.36
CA GLN C 126 -12.86 -6.15 21.48
C GLN C 126 -11.36 -5.99 21.60
N VAL C 127 -10.93 -5.60 22.78
CA VAL C 127 -9.57 -5.23 23.02
C VAL C 127 -8.94 -6.00 24.14
N SER C 128 -7.67 -6.33 23.93
CA SER C 128 -6.80 -6.95 24.92
C SER C 128 -5.42 -6.32 24.87
N TYR C 129 -4.64 -6.51 25.93
CA TYR C 129 -3.27 -6.07 25.92
C TYR C 129 -2.36 -7.04 26.66
N THR C 130 -1.08 -6.92 26.38
CA THR C 130 -0.06 -7.71 27.03
C THR C 130 1.20 -6.90 27.39
#